data_1WKS
#
_entry.id   1WKS
#
_entity_poly.entity_id   1
_entity_poly.type   'polyribonucleotide'
_entity_poly.pdbx_seq_one_letter_code
;GGCUUUGGAUAAAAGCC
;
_entity_poly.pdbx_strand_id   A
#